data_1VST
#
_entry.id   1VST
#
_cell.length_a   122.2
_cell.length_b   122.2
_cell.length_c   62.2
_cell.angle_alpha   90
_cell.angle_beta   90
_cell.angle_gamma   120
#
_symmetry.space_group_name_H-M   'P 64 2 2'
#
loop_
_entity.id
_entity.type
_entity.pdbx_description
1 polymer 'Uracil phosphoribosyltransferase'
2 non-polymer "GUANOSINE-5'-TRIPHOSPHATE"
3 non-polymer 'MAGNESIUM ION'
4 non-polymer 1-O-pyrophosphono-5-O-phosphono-alpha-D-ribofuranose
5 water water
#
_entity_poly.entity_id   1
_entity_poly.type   'polypeptide(L)'
_entity_poly.pdbx_seq_one_letter_code
;MPLYVIDKPITLHILTQLRDKYTDQINFRKNLVRLGRILGYEISNTLDYEIVEVETPLGVKTKGVDITDLNNIVIINILR
AAVPLVEGLLKAFPKARQGVIGASRVEVDGKEVPKDMDVYIYYKKIPDIRAKVDNVIIADPMIATASTMLKVLEEVVKAN
PKRIYIVSIISSEYGVNKILSKYPFIYLFTVAIDPELNNKGYILPGLGDAGDRAFG
;
_entity_poly.pdbx_strand_id   A
#
loop_
_chem_comp.id
_chem_comp.type
_chem_comp.name
_chem_comp.formula
GTP non-polymer GUANOSINE-5'-TRIPHOSPHATE 'C10 H16 N5 O14 P3'
MG non-polymer 'MAGNESIUM ION' 'Mg 2'
PRP D-saccharide 1-O-pyrophosphono-5-O-phosphono-alpha-D-ribofuranose 'C5 H13 O14 P3'
#
# COMPACT_ATOMS: atom_id res chain seq x y z
N PRO A 2 -2.55 11.71 6.81
CA PRO A 2 -3.94 11.53 6.32
C PRO A 2 -4.37 10.08 6.23
N LEU A 3 -5.41 9.74 6.98
CA LEU A 3 -5.93 8.39 6.97
C LEU A 3 -7.13 8.29 6.04
N TYR A 4 -7.11 7.27 5.20
CA TYR A 4 -8.19 7.03 4.26
C TYR A 4 -8.57 5.57 4.44
N VAL A 5 -9.77 5.35 4.98
CA VAL A 5 -10.27 4.01 5.19
C VAL A 5 -11.35 3.79 4.14
N ILE A 6 -10.97 3.14 3.05
CA ILE A 6 -11.85 2.89 1.93
C ILE A 6 -12.74 1.68 2.24
N ASP A 7 -13.73 1.89 3.10
CA ASP A 7 -14.65 0.84 3.51
C ASP A 7 -16.02 0.89 2.82
N LYS A 8 -16.03 1.05 1.50
CA LYS A 8 -17.30 1.06 0.80
C LYS A 8 -17.76 -0.39 0.65
N PRO A 9 -19.04 -0.60 0.27
CA PRO A 9 -19.58 -1.95 0.10
C PRO A 9 -18.76 -2.83 -0.82
N ILE A 10 -18.35 -2.28 -1.95
CA ILE A 10 -17.55 -3.03 -2.91
C ILE A 10 -16.24 -3.50 -2.29
N THR A 11 -15.58 -2.66 -1.52
CA THR A 11 -14.31 -3.04 -0.89
C THR A 11 -14.47 -3.92 0.34
N LEU A 12 -15.59 -3.77 1.04
CA LEU A 12 -15.82 -4.57 2.24
C LEU A 12 -16.32 -5.93 1.80
N HIS A 13 -16.83 -5.97 0.57
CA HIS A 13 -17.33 -7.20 0.00
C HIS A 13 -16.14 -8.09 -0.30
N ILE A 14 -15.16 -7.54 -1.01
CA ILE A 14 -13.95 -8.28 -1.35
C ILE A 14 -13.16 -8.63 -0.09
N LEU A 15 -13.06 -7.67 0.83
CA LEU A 15 -12.34 -7.87 2.08
C LEU A 15 -12.90 -9.08 2.81
N THR A 16 -14.22 -9.25 2.73
CA THR A 16 -14.90 -10.35 3.39
C THR A 16 -14.50 -11.70 2.80
N GLN A 17 -14.35 -11.72 1.49
CA GLN A 17 -13.97 -12.92 0.78
C GLN A 17 -12.55 -13.29 1.18
N LEU A 18 -11.69 -12.26 1.27
CA LEU A 18 -10.30 -12.45 1.66
C LEU A 18 -10.23 -12.98 3.09
N ARG A 19 -11.03 -12.42 3.99
CA ARG A 19 -11.08 -12.85 5.39
C ARG A 19 -11.41 -14.35 5.48
N ASP A 20 -12.50 -14.72 4.82
CA ASP A 20 -13.01 -16.08 4.77
C ASP A 20 -11.93 -17.07 4.40
N LYS A 21 -11.67 -18.01 5.32
CA LYS A 21 -10.65 -19.02 5.11
C LYS A 21 -11.00 -20.08 4.05
N TYR A 22 -12.27 -20.14 3.65
CA TYR A 22 -12.68 -21.12 2.65
C TYR A 22 -12.52 -20.54 1.25
N THR A 23 -11.66 -19.53 1.13
CA THR A 23 -11.40 -18.90 -0.15
C THR A 23 -10.06 -19.41 -0.66
N ASP A 24 -10.09 -20.17 -1.75
CA ASP A 24 -8.89 -20.74 -2.34
C ASP A 24 -7.87 -19.69 -2.75
N GLN A 25 -6.76 -20.17 -3.30
CA GLN A 25 -5.67 -19.31 -3.73
C GLN A 25 -5.95 -18.46 -4.97
N ILE A 26 -6.59 -19.06 -5.96
CA ILE A 26 -6.90 -18.35 -7.18
C ILE A 26 -7.74 -17.13 -6.88
N ASN A 27 -8.74 -17.32 -6.02
CA ASN A 27 -9.63 -16.24 -5.66
C ASN A 27 -9.04 -15.26 -4.66
N PHE A 28 -8.29 -15.77 -3.70
CA PHE A 28 -7.65 -14.91 -2.70
C PHE A 28 -6.65 -13.99 -3.41
N ARG A 29 -5.84 -14.57 -4.29
CA ARG A 29 -4.85 -13.79 -5.01
C ARG A 29 -5.53 -12.77 -5.92
N LYS A 30 -6.52 -13.24 -6.67
CA LYS A 30 -7.23 -12.38 -7.59
C LYS A 30 -7.89 -11.20 -6.89
N ASN A 31 -8.30 -11.37 -5.64
CA ASN A 31 -8.95 -10.29 -4.90
C ASN A 31 -7.95 -9.22 -4.45
N LEU A 32 -6.68 -9.62 -4.35
CA LEU A 32 -5.62 -8.70 -3.95
C LEU A 32 -5.37 -7.78 -5.12
N VAL A 33 -5.27 -8.37 -6.30
CA VAL A 33 -5.05 -7.61 -7.51
C VAL A 33 -6.22 -6.65 -7.64
N ARG A 34 -7.43 -7.17 -7.49
CA ARG A 34 -8.64 -6.36 -7.60
C ARG A 34 -8.59 -5.13 -6.70
N LEU A 35 -8.45 -5.33 -5.40
CA LEU A 35 -8.38 -4.20 -4.50
C LEU A 35 -7.28 -3.27 -4.94
N GLY A 36 -6.13 -3.82 -5.31
CA GLY A 36 -5.03 -3.00 -5.75
C GLY A 36 -5.50 -1.93 -6.74
N ARG A 37 -6.31 -2.35 -7.71
CA ARG A 37 -6.84 -1.45 -8.72
C ARG A 37 -7.89 -0.49 -8.17
N ILE A 38 -8.64 -0.91 -7.17
CA ILE A 38 -9.67 -0.06 -6.57
C ILE A 38 -9.05 1.02 -5.66
N LEU A 39 -8.11 0.60 -4.82
CA LEU A 39 -7.43 1.53 -3.92
C LEU A 39 -6.49 2.37 -4.77
N GLY A 40 -6.15 1.82 -5.93
CA GLY A 40 -5.30 2.54 -6.86
C GLY A 40 -6.10 3.71 -7.37
N TYR A 41 -7.40 3.50 -7.54
CA TYR A 41 -8.31 4.54 -8.02
C TYR A 41 -8.59 5.60 -6.97
N GLU A 42 -8.61 5.21 -5.70
CA GLU A 42 -8.84 6.14 -4.61
C GLU A 42 -7.70 7.14 -4.55
N ILE A 43 -6.48 6.63 -4.50
CA ILE A 43 -5.28 7.47 -4.45
C ILE A 43 -5.29 8.43 -5.63
N SER A 44 -5.79 7.97 -6.78
CA SER A 44 -5.86 8.80 -7.98
C SER A 44 -6.72 10.03 -7.78
N ASN A 45 -7.81 9.88 -7.03
CA ASN A 45 -8.70 11.00 -6.80
C ASN A 45 -8.14 11.94 -5.72
N THR A 46 -6.89 11.72 -5.32
CA THR A 46 -6.26 12.56 -4.30
C THR A 46 -4.98 13.19 -4.85
N LEU A 47 -4.58 12.78 -6.06
CA LEU A 47 -3.38 13.29 -6.69
C LEU A 47 -3.55 14.69 -7.28
N ASP A 48 -2.43 15.41 -7.41
CA ASP A 48 -2.46 16.75 -7.97
C ASP A 48 -2.75 16.73 -9.46
N TYR A 49 -3.78 17.47 -9.87
CA TYR A 49 -4.17 17.55 -11.27
C TYR A 49 -4.34 19.01 -11.69
N GLU A 50 -4.40 19.27 -12.99
CA GLU A 50 -4.57 20.64 -13.47
C GLU A 50 -5.76 20.69 -14.44
N ILE A 51 -6.35 21.86 -14.61
CA ILE A 51 -7.46 22.00 -15.53
C ILE A 51 -6.88 22.18 -16.91
N VAL A 52 -7.45 21.48 -17.88
CA VAL A 52 -6.96 21.58 -19.25
C VAL A 52 -8.10 21.89 -20.21
N GLU A 53 -7.74 22.14 -21.45
CA GLU A 53 -8.73 22.44 -22.45
C GLU A 53 -8.52 21.50 -23.63
N VAL A 54 -9.60 20.90 -24.13
CA VAL A 54 -9.51 20.00 -25.26
C VAL A 54 -10.48 20.47 -26.32
N GLU A 55 -10.33 19.98 -27.55
CA GLU A 55 -11.22 20.38 -28.61
C GLU A 55 -12.01 19.15 -29.07
N THR A 56 -13.32 19.14 -28.79
CA THR A 56 -14.14 17.99 -29.18
C THR A 56 -14.15 17.88 -30.70
N PRO A 57 -14.86 16.87 -31.22
CA PRO A 57 -14.92 16.67 -32.67
C PRO A 57 -15.67 17.79 -33.41
N LEU A 58 -16.84 18.16 -32.88
CA LEU A 58 -17.64 19.22 -33.48
C LEU A 58 -16.92 20.55 -33.30
N GLY A 59 -15.65 20.48 -32.94
CA GLY A 59 -14.84 21.66 -32.75
C GLY A 59 -15.28 22.57 -31.60
N VAL A 60 -15.20 22.09 -30.38
CA VAL A 60 -15.57 22.92 -29.24
C VAL A 60 -14.49 22.80 -28.16
N LYS A 61 -13.63 23.81 -28.08
CA LYS A 61 -12.60 23.82 -27.06
C LYS A 61 -13.40 23.77 -25.78
N THR A 62 -13.05 22.86 -24.87
CA THR A 62 -13.78 22.73 -23.62
C THR A 62 -12.82 22.29 -22.51
N LYS A 63 -13.14 22.63 -21.27
CA LYS A 63 -12.31 22.30 -20.11
C LYS A 63 -12.32 20.81 -19.74
N GLY A 64 -11.30 20.41 -18.99
CA GLY A 64 -11.19 19.03 -18.58
C GLY A 64 -10.16 18.92 -17.47
N VAL A 65 -10.04 17.76 -16.86
CA VAL A 65 -9.03 17.58 -15.82
C VAL A 65 -7.91 16.70 -16.37
N ASP A 66 -6.72 16.89 -15.84
CA ASP A 66 -5.57 16.09 -16.24
C ASP A 66 -4.75 15.85 -15.00
N ILE A 67 -4.75 14.60 -14.52
CA ILE A 67 -3.97 14.24 -13.34
C ILE A 67 -2.55 14.06 -13.85
N THR A 68 -1.85 15.18 -13.91
CA THR A 68 -0.50 15.21 -14.40
C THR A 68 0.40 14.35 -13.52
N ASP A 69 0.03 14.21 -12.26
CA ASP A 69 0.83 13.41 -11.34
C ASP A 69 0.82 11.90 -11.55
N LEU A 70 0.11 11.44 -12.56
CA LEU A 70 0.10 10.02 -12.86
C LEU A 70 1.42 9.73 -13.56
N ASN A 71 2.15 10.80 -13.83
CA ASN A 71 3.44 10.70 -14.49
C ASN A 71 4.56 10.56 -13.47
N ASN A 72 4.30 10.94 -12.23
CA ASN A 72 5.29 10.88 -11.17
C ASN A 72 4.92 9.90 -10.06
N ILE A 73 4.94 8.61 -10.40
CA ILE A 73 4.61 7.58 -9.44
C ILE A 73 5.73 6.57 -9.28
N VAL A 74 6.12 6.33 -8.04
CA VAL A 74 7.15 5.34 -7.77
C VAL A 74 6.51 4.34 -6.81
N ILE A 75 6.11 3.20 -7.34
CA ILE A 75 5.50 2.17 -6.51
C ILE A 75 6.62 1.39 -5.86
N ILE A 76 6.40 0.95 -4.63
CA ILE A 76 7.42 0.18 -3.95
C ILE A 76 6.80 -1.08 -3.42
N ASN A 77 7.17 -2.17 -4.08
CA ASN A 77 6.69 -3.52 -3.76
C ASN A 77 7.46 -4.15 -2.61
N ILE A 78 6.77 -4.36 -1.49
CA ILE A 78 7.40 -5.00 -0.32
C ILE A 78 7.08 -6.48 -0.36
N LEU A 79 8.06 -7.27 -0.77
CA LEU A 79 7.86 -8.71 -0.84
C LEU A 79 7.30 -9.20 0.50
N ARG A 80 6.63 -10.34 0.52
CA ARG A 80 6.40 -11.15 -0.66
C ARG A 80 4.97 -10.98 -1.11
N ALA A 81 4.09 -10.58 -0.18
CA ALA A 81 2.67 -10.44 -0.49
C ALA A 81 2.27 -9.21 -1.29
N ALA A 82 3.07 -8.15 -1.26
CA ALA A 82 2.73 -6.94 -1.99
C ALA A 82 2.62 -7.19 -3.51
N VAL A 83 3.39 -8.15 -4.01
CA VAL A 83 3.40 -8.48 -5.44
C VAL A 83 2.03 -8.42 -6.13
N PRO A 84 1.07 -9.23 -5.67
CA PRO A 84 -0.28 -9.25 -6.26
C PRO A 84 -0.99 -7.92 -6.11
N LEU A 85 -0.74 -7.26 -4.99
CA LEU A 85 -1.35 -5.97 -4.69
C LEU A 85 -0.81 -4.93 -5.67
N VAL A 86 0.50 -4.97 -5.90
CA VAL A 86 1.20 -4.06 -6.81
C VAL A 86 0.79 -4.34 -8.26
N GLU A 87 0.31 -5.56 -8.50
CA GLU A 87 -0.12 -5.97 -9.84
C GLU A 87 -1.35 -5.15 -10.22
N GLY A 88 -2.30 -5.04 -9.29
CA GLY A 88 -3.49 -4.27 -9.55
C GLY A 88 -3.19 -2.79 -9.48
N LEU A 89 -2.20 -2.42 -8.67
CA LEU A 89 -1.82 -1.03 -8.54
C LEU A 89 -1.28 -0.48 -9.84
N LEU A 90 -0.55 -1.30 -10.59
CA LEU A 90 0.02 -0.90 -11.88
C LEU A 90 -1.07 -0.64 -12.90
N LYS A 91 -2.25 -1.19 -12.66
CA LYS A 91 -3.37 -0.99 -13.56
C LYS A 91 -3.95 0.40 -13.40
N ALA A 92 -3.56 1.07 -12.33
CA ALA A 92 -4.02 2.43 -12.08
C ALA A 92 -2.86 3.40 -12.34
N PHE A 93 -1.63 2.94 -12.12
CA PHE A 93 -0.44 3.78 -12.31
C PHE A 93 0.58 3.19 -13.29
N PRO A 94 0.18 3.04 -14.56
CA PRO A 94 0.98 2.50 -15.65
C PRO A 94 2.37 3.12 -15.80
N LYS A 95 2.44 4.43 -15.54
CA LYS A 95 3.68 5.21 -15.65
C LYS A 95 4.60 5.17 -14.44
N ALA A 96 4.38 4.23 -13.54
CA ALA A 96 5.19 4.14 -12.33
C ALA A 96 6.45 3.33 -12.45
N ARG A 97 7.49 3.76 -11.75
CA ARG A 97 8.75 3.04 -11.72
C ARG A 97 8.49 2.11 -10.55
N GLN A 98 9.18 0.99 -10.49
CA GLN A 98 8.90 0.04 -9.42
C GLN A 98 10.06 -0.40 -8.53
N GLY A 99 9.95 -0.08 -7.25
CA GLY A 99 10.98 -0.46 -6.31
C GLY A 99 10.64 -1.81 -5.71
N VAL A 100 11.65 -2.58 -5.31
CA VAL A 100 11.44 -3.90 -4.71
C VAL A 100 12.23 -3.94 -3.41
N ILE A 101 11.59 -4.35 -2.32
CA ILE A 101 12.26 -4.41 -1.02
C ILE A 101 11.99 -5.67 -0.26
N GLY A 102 13.00 -6.13 0.48
CA GLY A 102 12.89 -7.31 1.30
C GLY A 102 13.34 -6.99 2.72
N ALA A 103 12.57 -7.43 3.70
CA ALA A 103 12.89 -7.17 5.10
C ALA A 103 12.60 -8.40 5.98
N SER A 104 13.48 -8.64 6.94
CA SER A 104 13.34 -9.77 7.85
C SER A 104 13.55 -9.36 9.28
N ARG A 105 12.74 -9.93 10.16
CA ARG A 105 12.85 -9.64 11.58
C ARG A 105 14.26 -10.09 11.98
N VAL A 106 15.00 -9.22 12.67
CA VAL A 106 16.34 -9.57 13.11
C VAL A 106 16.19 -10.82 13.95
N GLU A 107 16.41 -11.98 13.32
CA GLU A 107 16.29 -13.28 13.97
C GLU A 107 16.91 -13.25 15.38
N VAL A 108 16.04 -13.20 16.39
CA VAL A 108 16.47 -13.17 17.79
C VAL A 108 16.73 -14.62 18.22
N ASP A 109 15.77 -15.17 18.97
CA ASP A 109 15.87 -16.54 19.50
C ASP A 109 14.76 -16.68 20.55
N GLY A 110 14.62 -15.65 21.38
CA GLY A 110 13.64 -15.67 22.45
C GLY A 110 12.35 -14.93 22.17
N LYS A 111 11.48 -15.53 21.35
CA LYS A 111 10.16 -14.98 20.99
C LYS A 111 9.89 -13.71 21.82
N GLU A 112 9.92 -12.55 21.18
CA GLU A 112 9.71 -11.31 21.93
C GLU A 112 8.72 -10.31 21.31
N VAL A 113 8.59 -10.31 19.98
CA VAL A 113 7.68 -9.38 19.30
C VAL A 113 6.68 -8.63 20.21
N PRO A 114 7.10 -7.48 20.78
CA PRO A 114 6.32 -6.61 21.68
C PRO A 114 5.74 -5.39 20.92
N LYS A 115 6.64 -4.48 20.56
CA LYS A 115 6.34 -3.26 19.80
C LYS A 115 7.36 -3.17 18.65
N ASP A 116 8.46 -3.94 18.77
CA ASP A 116 9.54 -3.91 17.78
C ASP A 116 10.31 -5.25 17.65
N MET A 117 10.52 -5.70 16.42
CA MET A 117 11.24 -6.95 16.13
C MET A 117 12.42 -6.62 15.25
N ASP A 118 13.17 -5.60 15.67
CA ASP A 118 14.36 -5.17 14.94
C ASP A 118 14.40 -5.73 13.51
N VAL A 119 13.62 -5.11 12.62
CA VAL A 119 13.58 -5.55 11.23
C VAL A 119 14.88 -5.23 10.52
N TYR A 120 15.15 -5.95 9.44
CA TYR A 120 16.38 -5.77 8.68
C TYR A 120 16.17 -6.02 7.19
N ILE A 121 16.70 -5.09 6.38
CA ILE A 121 16.57 -5.16 4.92
C ILE A 121 17.68 -5.98 4.28
N TYR A 122 17.29 -7.00 3.53
CA TYR A 122 18.23 -7.88 2.88
C TYR A 122 18.18 -7.75 1.34
N TYR A 123 17.22 -6.96 0.85
CA TYR A 123 17.08 -6.71 -0.58
C TYR A 123 16.51 -5.33 -0.77
N LYS A 124 17.08 -4.58 -1.70
CA LYS A 124 16.63 -3.22 -1.97
C LYS A 124 17.04 -2.84 -3.38
N LYS A 125 16.04 -2.42 -4.17
CA LYS A 125 16.26 -1.96 -5.54
C LYS A 125 15.16 -0.98 -5.90
N ILE A 126 15.43 0.30 -5.64
CA ILE A 126 14.48 1.38 -5.91
C ILE A 126 14.99 2.29 -7.02
N PRO A 127 14.08 2.77 -7.90
CA PRO A 127 14.56 3.66 -8.96
C PRO A 127 14.84 4.99 -8.30
N ASP A 128 15.33 5.95 -9.07
CA ASP A 128 15.60 7.26 -8.49
C ASP A 128 14.28 7.93 -8.13
N ILE A 129 14.22 8.48 -6.92
CA ILE A 129 13.01 9.17 -6.46
C ILE A 129 13.29 10.67 -6.52
N ARG A 130 12.54 11.40 -7.35
CA ARG A 130 12.74 12.84 -7.49
C ARG A 130 12.19 13.60 -6.29
N ALA A 131 13.08 14.28 -5.57
CA ALA A 131 12.70 15.05 -4.40
C ALA A 131 11.61 16.05 -4.71
N LYS A 132 10.59 16.06 -3.85
CA LYS A 132 9.42 16.93 -3.98
C LYS A 132 8.71 16.91 -5.32
N VAL A 133 8.83 15.81 -6.04
CA VAL A 133 8.18 15.66 -7.34
C VAL A 133 7.36 14.38 -7.38
N ASP A 134 8.01 13.26 -7.13
CA ASP A 134 7.33 11.99 -7.15
C ASP A 134 6.39 11.79 -5.98
N ASN A 135 5.49 10.84 -6.16
CA ASN A 135 4.53 10.45 -5.14
C ASN A 135 4.85 8.98 -4.96
N VAL A 136 5.48 8.65 -3.84
CA VAL A 136 5.87 7.28 -3.54
C VAL A 136 4.68 6.51 -2.97
N ILE A 137 4.45 5.29 -3.48
CA ILE A 137 3.37 4.47 -2.99
C ILE A 137 3.85 3.11 -2.54
N ILE A 138 4.00 2.93 -1.24
CA ILE A 138 4.46 1.67 -0.67
C ILE A 138 3.28 0.72 -0.49
N ALA A 139 3.37 -0.44 -1.11
CA ALA A 139 2.31 -1.44 -1.03
C ALA A 139 2.67 -2.67 -0.20
N ASP A 140 1.76 -3.04 0.70
CA ASP A 140 1.88 -4.20 1.58
C ASP A 140 0.48 -4.43 2.18
N PRO A 141 -0.20 -5.52 1.78
CA PRO A 141 -1.55 -5.82 2.27
C PRO A 141 -1.75 -5.78 3.79
N MET A 142 -0.76 -6.24 4.53
CA MET A 142 -0.86 -6.29 5.97
C MET A 142 0.12 -5.36 6.67
N ILE A 143 -0.41 -4.50 7.54
CA ILE A 143 0.40 -3.61 8.37
C ILE A 143 0.01 -4.05 9.77
N ALA A 144 0.87 -4.86 10.39
CA ALA A 144 0.60 -5.37 11.72
C ALA A 144 1.28 -4.51 12.76
N THR A 145 2.52 -4.85 13.10
CA THR A 145 3.28 -4.08 14.08
C THR A 145 3.96 -2.90 13.41
N ALA A 146 3.89 -2.87 12.07
CA ALA A 146 4.47 -1.80 11.24
C ALA A 146 5.99 -1.77 11.27
N SER A 147 6.61 -2.84 11.76
CA SER A 147 8.06 -2.95 11.83
C SER A 147 8.60 -2.87 10.43
N THR A 148 7.98 -3.63 9.55
CA THR A 148 8.36 -3.66 8.15
C THR A 148 8.15 -2.27 7.51
N MET A 149 6.91 -1.80 7.52
CA MET A 149 6.58 -0.50 6.96
C MET A 149 7.50 0.64 7.40
N LEU A 150 7.64 0.79 8.71
CA LEU A 150 8.49 1.84 9.25
C LEU A 150 9.94 1.69 8.81
N LYS A 151 10.39 0.46 8.66
CA LYS A 151 11.76 0.19 8.25
C LYS A 151 11.95 0.62 6.81
N VAL A 152 10.92 0.38 6.00
CA VAL A 152 10.92 0.74 4.59
C VAL A 152 10.85 2.26 4.49
N LEU A 153 9.96 2.87 5.27
CA LEU A 153 9.80 4.33 5.27
C LEU A 153 11.08 5.04 5.66
N GLU A 154 11.75 4.48 6.65
CA GLU A 154 13.01 5.02 7.15
C GLU A 154 13.91 5.40 6.02
N GLU A 155 13.90 4.59 4.98
CA GLU A 155 14.71 4.80 3.80
C GLU A 155 14.09 5.71 2.76
N VAL A 156 12.78 5.57 2.58
CA VAL A 156 12.07 6.36 1.60
C VAL A 156 12.00 7.85 1.97
N VAL A 157 11.76 8.13 3.24
CA VAL A 157 11.66 9.49 3.72
C VAL A 157 12.88 10.31 3.30
N LYS A 158 14.03 9.66 3.30
CA LYS A 158 15.28 10.31 2.92
C LYS A 158 15.24 10.93 1.54
N ALA A 159 14.51 10.30 0.62
CA ALA A 159 14.39 10.77 -0.76
C ALA A 159 13.64 12.08 -0.85
N ASN A 160 12.83 12.37 0.16
CA ASN A 160 12.04 13.59 0.23
C ASN A 160 11.07 13.83 -0.94
N PRO A 161 10.32 12.78 -1.34
CA PRO A 161 9.37 12.93 -2.45
C PRO A 161 8.23 13.88 -2.11
N LYS A 162 7.53 14.35 -3.13
CA LYS A 162 6.40 15.25 -2.95
C LYS A 162 5.46 14.67 -1.90
N ARG A 163 4.92 13.50 -2.18
CA ARG A 163 4.01 12.82 -1.25
C ARG A 163 4.40 11.39 -1.04
N ILE A 164 3.90 10.79 0.04
CA ILE A 164 4.16 9.39 0.34
C ILE A 164 2.81 8.74 0.69
N TYR A 165 2.42 7.73 -0.09
CA TYR A 165 1.17 7.01 0.14
C TYR A 165 1.50 5.62 0.65
N ILE A 166 0.57 5.02 1.38
CA ILE A 166 0.71 3.66 1.87
C ILE A 166 -0.60 2.96 1.56
N VAL A 167 -0.51 1.84 0.86
CA VAL A 167 -1.68 1.08 0.48
C VAL A 167 -1.68 -0.28 1.15
N SER A 168 -2.62 -0.50 2.04
CA SER A 168 -2.72 -1.78 2.72
C SER A 168 -4.19 -2.17 2.68
N ILE A 169 -4.45 -3.47 2.84
CA ILE A 169 -5.82 -3.96 2.83
C ILE A 169 -6.27 -3.84 4.28
N ILE A 170 -5.56 -4.54 5.15
CA ILE A 170 -5.85 -4.55 6.57
C ILE A 170 -4.66 -4.04 7.35
N SER A 171 -4.88 -3.05 8.19
CA SER A 171 -3.81 -2.53 9.03
C SER A 171 -4.35 -2.49 10.46
N SER A 172 -3.47 -2.69 11.43
CA SER A 172 -3.89 -2.71 12.83
C SER A 172 -3.93 -1.35 13.51
N GLU A 173 -4.80 -1.25 14.50
CA GLU A 173 -4.98 -0.05 15.31
C GLU A 173 -3.59 0.46 15.67
N TYR A 174 -2.80 -0.42 16.26
CA TYR A 174 -1.44 -0.16 16.68
C TYR A 174 -0.55 0.37 15.56
N GLY A 175 -0.45 -0.41 14.49
CA GLY A 175 0.36 -0.07 13.33
C GLY A 175 0.02 1.21 12.62
N VAL A 176 -1.26 1.56 12.58
CA VAL A 176 -1.67 2.80 11.91
C VAL A 176 -1.22 4.02 12.72
N ASN A 177 -1.42 3.97 14.02
CA ASN A 177 -1.04 5.07 14.87
C ASN A 177 0.44 5.19 15.00
N LYS A 178 1.13 4.05 15.03
CA LYS A 178 2.57 4.09 15.15
C LYS A 178 3.19 4.83 13.96
N ILE A 179 2.65 4.59 12.77
CA ILE A 179 3.14 5.24 11.55
C ILE A 179 2.77 6.71 11.45
N LEU A 180 1.48 7.02 11.52
CA LEU A 180 1.03 8.39 11.38
C LEU A 180 1.53 9.33 12.44
N SER A 181 1.70 8.82 13.66
CA SER A 181 2.21 9.68 14.72
C SER A 181 3.64 10.09 14.33
N LYS A 182 4.43 9.13 13.87
CA LYS A 182 5.80 9.38 13.47
C LYS A 182 5.89 10.19 12.18
N TYR A 183 5.05 9.84 11.21
CA TYR A 183 5.00 10.52 9.92
C TYR A 183 3.54 10.92 9.64
N PRO A 184 3.10 12.06 10.18
CA PRO A 184 1.75 12.61 10.04
C PRO A 184 1.35 13.06 8.64
N PHE A 185 2.34 13.40 7.84
CA PHE A 185 2.10 13.88 6.47
C PHE A 185 1.79 12.73 5.50
N ILE A 186 1.88 11.50 5.99
CA ILE A 186 1.64 10.32 5.19
C ILE A 186 0.18 10.03 4.88
N TYR A 187 -0.10 9.78 3.60
CA TYR A 187 -1.44 9.44 3.16
C TYR A 187 -1.57 7.93 3.28
N LEU A 188 -2.20 7.46 4.34
CA LEU A 188 -2.36 6.04 4.55
C LEU A 188 -3.71 5.52 4.09
N PHE A 189 -3.72 4.72 3.02
CA PHE A 189 -4.95 4.13 2.50
C PHE A 189 -5.06 2.69 2.98
N THR A 190 -6.27 2.28 3.34
CA THR A 190 -6.49 0.94 3.85
C THR A 190 -7.98 0.68 3.79
N VAL A 191 -8.37 -0.59 3.73
CA VAL A 191 -9.78 -0.95 3.66
C VAL A 191 -10.40 -1.12 5.05
N ALA A 192 -9.70 -1.82 5.92
CA ALA A 192 -10.17 -2.07 7.28
C ALA A 192 -9.02 -1.91 8.24
N ILE A 193 -9.35 -1.50 9.46
CA ILE A 193 -8.37 -1.32 10.53
C ILE A 193 -8.80 -2.22 11.67
N ASP A 194 -8.07 -3.33 11.84
CA ASP A 194 -8.38 -4.29 12.87
C ASP A 194 -7.93 -3.94 14.27
N PRO A 195 -8.80 -4.20 15.25
CA PRO A 195 -8.63 -3.93 16.69
C PRO A 195 -7.25 -4.26 17.25
N GLU A 196 -6.88 -5.53 17.23
CA GLU A 196 -5.61 -5.90 17.79
C GLU A 196 -4.86 -7.01 17.09
N LEU A 197 -3.60 -7.16 17.47
CA LEU A 197 -2.71 -8.18 16.96
C LEU A 197 -2.27 -9.01 18.16
N ASN A 198 -2.07 -10.31 17.96
CA ASN A 198 -1.65 -11.17 19.07
C ASN A 198 -0.20 -10.99 19.44
N ASN A 199 0.31 -11.92 20.24
CA ASN A 199 1.68 -11.82 20.70
C ASN A 199 2.72 -12.38 19.73
N LYS A 200 2.27 -12.74 18.53
CA LYS A 200 3.17 -13.26 17.51
C LYS A 200 3.27 -12.24 16.40
N GLY A 201 2.55 -11.14 16.55
CA GLY A 201 2.54 -10.09 15.54
C GLY A 201 1.44 -10.29 14.50
N TYR A 202 0.67 -11.36 14.63
CA TYR A 202 -0.41 -11.64 13.69
C TYR A 202 -1.63 -10.76 14.02
N ILE A 203 -2.24 -10.16 12.99
CA ILE A 203 -3.40 -9.30 13.16
C ILE A 203 -4.69 -10.08 13.47
N LEU A 204 -5.53 -9.51 14.32
CA LEU A 204 -6.79 -10.12 14.72
C LEU A 204 -7.94 -9.12 14.54
N PRO A 205 -9.04 -9.55 13.87
CA PRO A 205 -9.33 -10.87 13.29
C PRO A 205 -8.45 -11.25 12.11
N GLY A 206 -7.90 -10.24 11.44
CA GLY A 206 -7.03 -10.44 10.28
C GLY A 206 -7.60 -11.28 9.17
N LEU A 207 -6.72 -12.03 8.50
CA LEU A 207 -7.13 -12.90 7.41
C LEU A 207 -6.10 -13.98 7.14
N GLY A 208 -5.23 -14.25 8.10
CA GLY A 208 -4.20 -15.27 7.92
C GLY A 208 -2.95 -14.72 7.24
N ASP A 209 -2.11 -15.59 6.70
CA ASP A 209 -0.90 -15.12 6.02
C ASP A 209 -1.21 -14.87 4.55
N ALA A 210 -1.28 -13.59 4.18
CA ALA A 210 -1.56 -13.19 2.81
C ALA A 210 -0.52 -13.76 1.84
N GLY A 211 0.71 -13.90 2.32
CA GLY A 211 1.77 -14.44 1.50
C GLY A 211 1.51 -15.90 1.16
N ASP A 212 1.29 -16.74 2.17
CA ASP A 212 1.07 -18.14 1.88
C ASP A 212 -0.32 -18.37 1.26
N ARG A 213 -1.29 -17.54 1.65
CA ARG A 213 -2.65 -17.67 1.11
C ARG A 213 -2.63 -17.42 -0.39
N ALA A 214 -1.78 -16.49 -0.81
CA ALA A 214 -1.68 -16.10 -2.22
C ALA A 214 -0.63 -16.86 -3.05
N PHE A 215 0.41 -17.35 -2.41
CA PHE A 215 1.45 -18.05 -3.14
C PHE A 215 1.39 -19.57 -2.99
N GLY A 216 1.43 -20.06 -1.75
CA GLY A 216 1.39 -21.48 -1.49
C GLY A 216 -0.05 -21.97 -1.41
PG GTP B . -10.57 -8.64 -12.73
O1G GTP B . -11.59 -8.05 -11.83
O2G GTP B . -10.68 -10.14 -12.81
O3G GTP B . -9.25 -8.25 -12.27
O3B GTP B . -10.78 -8.05 -14.13
PB GTP B . -10.44 -8.69 -15.53
O1B GTP B . -9.61 -9.90 -15.34
O2B GTP B . -9.76 -7.67 -16.37
O3A GTP B . -11.81 -9.05 -16.11
PA GTP B . -12.44 -10.37 -16.68
O1A GTP B . -11.33 -11.40 -16.79
O2A GTP B . -13.15 -9.99 -17.95
O5' GTP B . -13.41 -10.75 -15.49
C5' GTP B . -14.30 -9.88 -14.82
C4' GTP B . -14.97 -10.69 -13.78
O4' GTP B . -15.34 -12.00 -14.33
C3' GTP B . -14.12 -11.01 -12.56
O3' GTP B . -14.23 -9.97 -11.58
C2' GTP B . -14.63 -12.37 -12.15
O2' GTP B . -15.70 -12.25 -11.16
C1' GTP B . -15.16 -13.04 -13.37
N9 GTP B . -14.26 -14.07 -14.00
C8 GTP B . -13.24 -13.85 -14.92
N7 GTP B . -12.59 -14.92 -15.28
C5 GTP B . -13.22 -15.94 -14.58
C6 GTP B . -12.96 -17.36 -14.58
O6 GTP B . -12.11 -17.98 -15.20
N1 GTP B . -13.84 -18.09 -13.69
C2 GTP B . -14.85 -17.51 -12.93
N2 GTP B . -15.58 -18.34 -12.19
N3 GTP B . -15.11 -16.16 -12.94
C4 GTP B . -14.25 -15.43 -13.79
MG MG C . -9.65 -11.99 -15.75
C1 PRP D . 4.49 -10.12 6.56
C2 PRP D . 3.47 -9.34 5.72
C3 PRP D . 4.04 -7.92 5.76
C4 PRP D . 4.63 -7.82 7.15
C5 PRP D . 3.76 -7.08 8.10
O1 PRP D . 5.63 -10.47 5.72
O2 PRP D . 3.38 -9.93 4.41
O3 PRP D . 5.05 -7.83 4.73
O4 PRP D . 4.86 -9.24 7.57
O5 PRP D . 4.08 -7.29 9.48
P PRP D . 4.66 -6.18 10.47
O1P PRP D . 6.13 -5.96 10.21
O2P PRP D . 3.82 -4.93 10.28
O3P PRP D . 4.44 -6.81 11.83
PA PRP D . 6.50 -11.80 6.06
O1A PRP D . 7.81 -11.40 6.65
O2A PRP D . 5.69 -12.71 6.92
O3A PRP D . 6.71 -12.37 4.57
PB PRP D . 5.57 -12.58 3.39
O1B PRP D . 5.65 -11.28 2.60
O2B PRP D . 4.23 -12.78 4.09
O3B PRP D . 6.00 -13.79 2.62
#